data_3KGY
#
_entry.id   3KGY
#
_cell.length_a   55.231
_cell.length_b   57.352
_cell.length_c   140.979
_cell.angle_alpha   90.000
_cell.angle_beta   90.000
_cell.angle_gamma   90.000
#
_symmetry.space_group_name_H-M   'P 21 21 21'
#
loop_
_entity.id
_entity.type
_entity.pdbx_description
1 polymer 'Bifunctional deaminase-reductase domain protein'
2 non-polymer 'NADPH DIHYDRO-NICOTINAMIDE-ADENINE-DINUCLEOTIDE PHOSPHATE'
3 non-polymer 1,2-ETHANEDIOL
4 non-polymer 'CHLORIDE ION'
5 water water
#
_entity_poly.entity_id   1
_entity_poly.type   'polypeptide(L)'
_entity_poly.pdbx_seq_one_letter_code
;(MSE)GSDKIHHHHHHENLYFQG(MSE)SKVFVNISLSLDGF(MSE)APEG(MSE)D(MSE)AHFSDPTYKNWGAKWGAL
(MSE)AWALSQQYLREKLKLGTGGETGPVND(MSE)VRHTFERTGAHI(MSE)GKR(MSE)FEGGERGWPEEAPFHTPVY
VLTHERRNPWVRPGGTTFYFVNDGPEQALALAREAAGERDIRISGGANVIQQYLNLGLVDELEIALIPVIFGGGRRLFEN
LHEPLPQFRIDRVLASPTATHLRYVRL
;
_entity_poly.pdbx_strand_id   A,B
#
# COMPACT_ATOMS: atom_id res chain seq x y z
N ASN A 14 -4.68 -13.98 25.38
CA ASN A 14 -3.42 -14.22 26.17
C ASN A 14 -3.14 -13.15 27.22
N LEU A 15 -3.43 -13.45 28.48
CA LEU A 15 -3.25 -12.48 29.59
C LEU A 15 -1.81 -11.97 29.85
N TYR A 16 -0.83 -12.72 29.35
CA TYR A 16 0.60 -12.44 29.58
C TYR A 16 1.29 -11.85 28.39
N PHE A 17 0.52 -11.56 27.33
CA PHE A 17 1.05 -11.04 26.07
C PHE A 17 2.03 -9.90 26.23
N GLN A 18 1.75 -9.01 27.16
CA GLN A 18 2.61 -7.87 27.33
C GLN A 18 3.98 -8.23 27.92
N GLY A 19 4.11 -9.37 28.58
CA GLY A 19 5.41 -9.84 29.06
C GLY A 19 6.18 -10.66 28.04
N SER A 21 7.91 -11.33 24.18
CA SER A 21 8.59 -10.63 23.13
C SER A 21 7.63 -10.48 21.95
N LYS A 22 7.58 -9.30 21.37
CA LYS A 22 6.70 -9.07 20.24
C LYS A 22 7.43 -9.43 18.97
N VAL A 23 6.69 -10.01 18.06
CA VAL A 23 7.18 -10.40 16.75
C VAL A 23 6.70 -9.30 15.79
N PHE A 24 7.66 -8.55 15.24
CA PHE A 24 7.35 -7.45 14.37
C PHE A 24 8.09 -7.46 13.07
N VAL A 25 7.47 -6.81 12.08
CA VAL A 25 8.01 -6.57 10.76
C VAL A 25 8.16 -5.05 10.63
N ASN A 26 9.31 -4.59 10.18
CA ASN A 26 9.52 -3.17 9.90
C ASN A 26 10.22 -3.09 8.56
N ILE A 27 9.52 -2.67 7.51
CA ILE A 27 10.08 -2.68 6.15
C ILE A 27 9.73 -1.39 5.42
N SER A 28 10.42 -1.15 4.30
CA SER A 28 10.16 -0.06 3.39
C SER A 28 9.51 -0.69 2.18
N LEU A 29 8.44 -0.09 1.71
CA LEU A 29 7.60 -0.63 0.68
C LEU A 29 7.33 0.41 -0.39
N SER A 30 7.49 0.04 -1.65
CA SER A 30 7.11 0.96 -2.73
C SER A 30 5.62 1.15 -2.66
N LEU A 31 5.15 2.19 -3.33
CA LEU A 31 3.72 2.47 -3.36
C LEU A 31 2.92 1.30 -3.94
N ASP A 32 3.50 0.62 -4.92
CA ASP A 32 2.91 -0.56 -5.53
C ASP A 32 3.18 -1.87 -4.81
N GLY A 33 3.73 -1.80 -3.60
CA GLY A 33 3.79 -2.97 -2.76
C GLY A 33 4.98 -3.90 -2.90
N PHE A 34 6.12 -3.39 -3.39
CA PHE A 34 7.29 -4.23 -3.60
C PHE A 34 8.36 -3.87 -2.57
N ALA A 36 11.54 -5.06 -3.14
CA ALA A 36 12.79 -5.05 -3.90
C ALA A 36 12.41 -4.94 -5.36
N PRO A 37 13.24 -4.22 -6.14
CA PRO A 37 12.97 -4.07 -7.56
C PRO A 37 13.48 -5.29 -8.35
N GLU A 38 12.90 -5.46 -9.52
N GLU A 38 12.92 -5.44 -9.53
CA GLU A 38 13.36 -6.44 -10.46
CA GLU A 38 13.34 -6.49 -10.42
C GLU A 38 14.83 -6.18 -10.73
C GLU A 38 14.78 -6.20 -10.85
N GLY A 39 15.60 -7.24 -10.84
CA GLY A 39 17.03 -7.12 -11.14
C GLY A 39 17.94 -7.18 -9.96
N ASP A 41 19.32 -9.18 -7.80
CA ASP A 41 19.65 -10.57 -7.52
C ASP A 41 21.15 -10.71 -7.49
N ALA A 43 23.28 -12.32 -9.35
CA ALA A 43 23.91 -12.20 -10.65
C ALA A 43 24.16 -10.74 -11.01
N HIS A 44 23.28 -9.84 -10.55
CA HIS A 44 23.40 -8.42 -10.88
C HIS A 44 23.75 -7.54 -9.69
N PHE A 45 24.23 -8.14 -8.63
CA PHE A 45 24.52 -7.40 -7.42
C PHE A 45 25.57 -6.32 -7.68
N SER A 46 26.51 -6.61 -8.57
CA SER A 46 27.57 -5.67 -8.91
C SER A 46 27.23 -4.85 -10.18
N ASP A 47 26.02 -4.99 -10.70
CA ASP A 47 25.56 -4.15 -11.82
C ASP A 47 24.26 -3.46 -11.49
N PRO A 48 24.33 -2.40 -10.68
CA PRO A 48 23.11 -1.67 -10.29
C PRO A 48 22.36 -0.95 -11.39
N THR A 49 22.93 -0.82 -12.60
CA THR A 49 22.18 -0.26 -13.71
C THR A 49 21.21 -1.22 -14.37
N TYR A 50 21.35 -2.52 -14.09
CA TYR A 50 20.49 -3.52 -14.69
C TYR A 50 19.04 -3.29 -14.22
N LYS A 51 18.14 -3.02 -15.17
CA LYS A 51 16.77 -2.65 -14.88
C LYS A 51 16.66 -1.46 -13.90
N ASN A 52 17.71 -0.63 -13.85
N ASN A 52 17.71 -0.63 -13.89
CA ASN A 52 17.79 0.50 -12.93
CA ASN A 52 17.82 0.48 -12.95
C ASN A 52 17.54 0.09 -11.47
C ASN A 52 17.45 0.06 -11.53
N TRP A 53 17.92 -1.12 -11.12
CA TRP A 53 17.55 -1.63 -9.81
C TRP A 53 18.17 -0.83 -8.67
N GLY A 54 19.43 -0.43 -8.85
CA GLY A 54 20.10 0.28 -7.76
C GLY A 54 19.44 1.60 -7.38
N ALA A 55 18.99 2.36 -8.37
CA ALA A 55 18.36 3.64 -8.15
C ALA A 55 17.01 3.39 -7.46
N LYS A 56 16.32 2.33 -7.86
CA LYS A 56 15.02 2.02 -7.27
C LYS A 56 15.16 1.60 -5.81
N TRP A 57 16.17 0.78 -5.51
CA TRP A 57 16.50 0.39 -4.15
C TRP A 57 16.88 1.59 -3.33
N GLY A 58 17.72 2.43 -3.89
CA GLY A 58 18.13 3.65 -3.18
C GLY A 58 16.95 4.51 -2.78
N ALA A 59 15.99 4.67 -3.69
CA ALA A 59 14.78 5.47 -3.46
C ALA A 59 13.96 4.93 -2.29
N LEU A 60 13.97 3.62 -2.17
CA LEU A 60 13.24 2.94 -1.14
C LEU A 60 13.86 3.15 0.25
N ALA A 62 16.25 5.59 1.14
CA ALA A 62 16.80 6.94 1.36
C ALA A 62 16.36 7.57 2.68
N TRP A 63 15.08 7.40 3.02
CA TRP A 63 14.53 8.08 4.21
C TRP A 63 15.26 7.64 5.44
N ALA A 64 15.63 6.37 5.51
CA ALA A 64 16.24 5.82 6.70
C ALA A 64 17.70 6.16 6.77
N LEU A 65 18.37 6.14 5.63
CA LEU A 65 19.79 6.44 5.63
C LEU A 65 20.10 7.89 5.87
N SER A 66 19.08 8.76 5.82
N SER A 66 19.06 8.74 5.79
CA SER A 66 19.28 10.15 6.15
CA SER A 66 19.18 10.15 6.11
C SER A 66 19.06 10.48 7.63
C SER A 66 19.16 10.45 7.62
N GLN A 67 18.72 9.48 8.44
CA GLN A 67 18.53 9.71 9.87
C GLN A 67 19.84 9.66 10.64
N GLN A 68 20.04 10.66 11.51
CA GLN A 68 21.21 10.76 12.33
C GLN A 68 21.56 9.46 13.04
N TYR A 69 20.56 8.83 13.63
CA TYR A 69 20.82 7.63 14.42
C TYR A 69 21.40 6.48 13.61
N LEU A 70 20.88 6.27 12.42
CA LEU A 70 21.37 5.21 11.55
C LEU A 70 22.69 5.59 10.91
N ARG A 71 22.86 6.86 10.56
CA ARG A 71 24.14 7.30 10.01
C ARG A 71 25.24 7.03 11.01
N GLU A 72 24.99 7.31 12.28
CA GLU A 72 26.00 7.02 13.30
C GLU A 72 26.18 5.52 13.53
N LYS A 73 25.08 4.78 13.60
CA LYS A 73 25.15 3.36 13.94
C LYS A 73 25.80 2.54 12.85
N LEU A 74 25.52 2.91 11.61
CA LEU A 74 26.01 2.18 10.45
C LEU A 74 27.30 2.76 9.92
N LYS A 75 27.75 3.84 10.56
CA LYS A 75 28.99 4.54 10.22
C LYS A 75 28.96 4.93 8.75
N LEU A 76 27.84 5.54 8.37
CA LEU A 76 27.66 6.01 7.00
C LEU A 76 28.25 7.35 6.81
N GLY A 77 28.28 8.13 7.87
CA GLY A 77 28.75 9.48 7.85
C GLY A 77 28.20 10.28 9.01
N THR A 78 28.56 11.54 9.05
CA THR A 78 28.19 12.44 10.10
C THR A 78 26.88 13.20 9.75
N GLY A 79 26.33 13.88 10.74
CA GLY A 79 25.06 14.58 10.58
C GLY A 79 23.84 13.70 10.34
N GLY A 80 22.76 14.35 9.92
CA GLY A 80 21.50 13.69 9.60
C GLY A 80 20.26 14.30 10.23
N GLU A 81 19.09 13.83 9.82
CA GLU A 81 17.85 14.28 10.36
C GLU A 81 17.68 13.84 11.81
N THR A 82 17.06 14.70 12.63
N THR A 82 17.06 14.72 12.60
CA THR A 82 16.99 14.49 14.09
CA THR A 82 16.66 14.40 13.93
C THR A 82 15.65 14.70 14.80
C THR A 82 15.19 14.71 14.02
N GLY A 83 14.52 14.50 14.10
N GLY A 83 14.56 14.24 15.08
CA GLY A 83 13.20 14.61 14.73
CA GLY A 83 13.18 14.47 15.21
C GLY A 83 12.52 13.28 15.05
C GLY A 83 12.46 13.17 15.29
N PRO A 84 11.15 13.24 15.04
CA PRO A 84 10.34 12.06 15.28
C PRO A 84 10.71 10.81 14.48
N VAL A 85 11.08 10.98 13.22
CA VAL A 85 11.45 9.82 12.40
C VAL A 85 12.74 9.21 12.96
N ASN A 86 13.70 10.07 13.31
CA ASN A 86 14.97 9.65 13.91
C ASN A 86 14.71 8.91 15.20
N ASP A 87 13.78 9.41 16.03
CA ASP A 87 13.51 8.74 17.29
C ASP A 87 12.90 7.37 17.08
N VAL A 89 13.37 5.38 14.43
CA VAL A 89 14.38 4.41 13.98
C VAL A 89 15.24 3.91 15.13
N ARG A 90 15.52 4.82 16.06
CA ARG A 90 16.31 4.44 17.23
C ARG A 90 15.55 3.36 18.03
N HIS A 91 14.24 3.56 18.24
CA HIS A 91 13.46 2.62 18.99
C HIS A 91 13.46 1.26 18.28
N THR A 92 13.30 1.26 16.96
CA THR A 92 13.33 0.00 16.21
C THR A 92 14.61 -0.79 16.41
N PHE A 93 15.77 -0.12 16.42
CA PHE A 93 17.01 -0.86 16.67
C PHE A 93 17.10 -1.34 18.11
N GLU A 94 16.89 -0.43 19.07
CA GLU A 94 17.06 -0.73 20.46
C GLU A 94 16.12 -1.79 21.01
N ARG A 95 14.91 -1.90 20.44
CA ARG A 95 13.93 -2.85 20.93
C ARG A 95 14.24 -4.28 20.58
N THR A 96 15.15 -4.49 19.62
CA THR A 96 15.29 -5.83 19.03
C THR A 96 16.33 -6.69 19.74
N GLY A 97 15.95 -7.91 20.15
CA GLY A 97 16.88 -8.85 20.76
C GLY A 97 17.29 -10.00 19.87
N ALA A 98 16.57 -10.21 18.77
CA ALA A 98 16.89 -11.28 17.78
C ALA A 98 16.20 -10.96 16.46
N HIS A 99 16.84 -11.39 15.36
CA HIS A 99 16.32 -11.21 14.01
C HIS A 99 16.12 -12.55 13.33
N ILE A 100 15.12 -12.61 12.43
CA ILE A 100 14.86 -13.76 11.58
C ILE A 100 14.85 -13.28 10.15
N GLY A 102 15.31 -14.55 5.68
CA GLY A 102 15.46 -15.59 4.68
C GLY A 102 16.82 -15.54 4.01
N LYS A 103 17.03 -16.51 3.14
CA LYS A 103 18.33 -16.71 2.55
C LYS A 103 18.71 -15.72 1.46
N ARG A 104 17.72 -15.24 0.69
CA ARG A 104 18.08 -14.23 -0.31
C ARG A 104 18.52 -12.94 0.37
N PHE A 106 19.90 -12.76 3.30
CA PHE A 106 21.19 -13.10 3.84
C PHE A 106 22.33 -13.00 2.80
N GLU A 107 22.09 -13.58 1.63
CA GLU A 107 23.10 -13.53 0.59
C GLU A 107 23.47 -12.10 0.17
N GLY A 108 22.47 -11.25 0.04
CA GLY A 108 22.73 -9.84 -0.29
C GLY A 108 23.61 -9.21 0.78
N GLY A 109 23.34 -9.55 2.03
CA GLY A 109 24.06 -9.00 3.13
C GLY A 109 25.45 -9.56 3.30
N GLU A 110 25.60 -10.84 2.99
CA GLU A 110 26.89 -11.50 3.05
C GLU A 110 27.88 -10.70 2.19
N ARG A 111 27.42 -10.21 1.05
N ARG A 111 27.43 -10.23 1.04
CA ARG A 111 28.22 -9.40 0.10
CA ARG A 111 28.26 -9.38 0.19
C ARG A 111 28.17 -7.89 0.37
C ARG A 111 28.26 -7.92 0.66
N GLY A 112 27.06 -7.38 0.93
CA GLY A 112 26.88 -5.95 1.15
C GLY A 112 26.94 -5.37 2.55
N TRP A 113 26.99 -6.19 3.59
CA TRP A 113 27.12 -5.65 4.94
C TRP A 113 28.59 -5.51 5.26
N PRO A 114 28.93 -4.55 6.12
CA PRO A 114 30.30 -4.49 6.62
C PRO A 114 30.61 -5.70 7.48
N GLU A 115 31.89 -5.93 7.74
CA GLU A 115 32.31 -7.05 8.58
C GLU A 115 31.55 -6.99 9.90
N GLU A 116 31.43 -5.81 10.47
CA GLU A 116 30.64 -5.61 11.66
C GLU A 116 29.20 -5.51 11.20
N ALA A 117 28.51 -6.64 11.12
CA ALA A 117 27.14 -6.68 10.59
C ALA A 117 26.22 -5.82 11.43
N PRO A 118 25.17 -5.22 10.83
N PRO A 118 25.19 -5.24 10.79
CA PRO A 118 24.39 -4.21 11.59
CA PRO A 118 24.30 -4.29 11.44
C PRO A 118 23.40 -4.70 12.65
C PRO A 118 23.12 -4.91 12.16
N PHE A 119 23.35 -5.99 12.89
CA PHE A 119 22.31 -6.59 13.70
C PHE A 119 22.64 -6.56 15.17
N HIS A 120 23.84 -7.04 15.50
CA HIS A 120 24.34 -7.06 16.87
C HIS A 120 23.47 -7.91 17.75
N THR A 121 22.85 -8.96 17.18
CA THR A 121 22.09 -9.92 17.94
C THR A 121 22.25 -11.26 17.20
N PRO A 122 21.76 -12.35 17.82
CA PRO A 122 21.62 -13.56 17.05
C PRO A 122 20.65 -13.33 15.89
N VAL A 123 20.95 -13.97 14.74
CA VAL A 123 20.12 -13.83 13.54
C VAL A 123 19.89 -15.26 13.04
N TYR A 124 18.62 -15.63 12.84
CA TYR A 124 18.20 -16.96 12.42
C TYR A 124 17.81 -16.86 10.95
N VAL A 125 18.57 -17.55 10.09
CA VAL A 125 18.38 -17.50 8.65
C VAL A 125 17.69 -18.77 8.20
N LEU A 126 16.47 -18.65 7.68
CA LEU A 126 15.72 -19.79 7.16
C LEU A 126 16.30 -20.20 5.83
N THR A 127 16.76 -21.45 5.74
CA THR A 127 17.38 -21.93 4.52
C THR A 127 17.34 -23.46 4.47
N HIS A 128 17.39 -24.02 3.26
CA HIS A 128 17.54 -25.47 3.03
C HIS A 128 19.02 -25.87 3.20
N GLU A 129 19.95 -24.93 3.17
CA GLU A 129 21.37 -25.26 3.30
C GLU A 129 21.76 -25.63 4.73
N ARG A 130 22.30 -26.82 4.91
N ARG A 130 22.34 -26.81 4.87
CA ARG A 130 22.84 -27.22 6.21
CA ARG A 130 22.92 -27.25 6.12
C ARG A 130 24.22 -26.55 6.33
C ARG A 130 24.24 -26.48 6.26
N ARG A 131 24.35 -25.66 7.31
CA ARG A 131 25.51 -24.77 7.43
C ARG A 131 25.79 -24.38 8.87
N ASN A 132 27.07 -24.37 9.27
CA ASN A 132 27.46 -23.95 10.60
C ASN A 132 27.25 -22.44 10.74
N PRO A 133 27.08 -21.97 11.98
CA PRO A 133 26.95 -20.55 12.25
C PRO A 133 28.13 -19.71 11.77
N TRP A 134 27.85 -18.42 11.61
CA TRP A 134 28.83 -17.47 11.11
C TRP A 134 28.82 -16.30 12.06
N VAL A 135 29.91 -16.15 12.80
CA VAL A 135 30.07 -15.09 13.81
C VAL A 135 30.73 -13.88 13.14
N ARG A 136 30.23 -12.70 13.46
CA ARG A 136 30.79 -11.46 12.98
C ARG A 136 31.19 -10.60 14.16
N PRO A 137 32.22 -9.75 13.99
CA PRO A 137 32.50 -8.78 15.05
C PRO A 137 31.27 -7.91 15.36
N GLY A 138 31.17 -7.51 16.62
CA GLY A 138 30.12 -6.63 17.09
C GLY A 138 28.89 -7.31 17.61
N GLY A 139 28.98 -8.60 17.93
CA GLY A 139 27.86 -9.32 18.52
C GLY A 139 26.78 -9.88 17.63
N THR A 140 27.10 -10.12 16.36
CA THR A 140 26.17 -10.80 15.48
C THR A 140 26.65 -12.22 15.22
N THR A 141 25.75 -13.18 15.42
CA THR A 141 25.99 -14.56 14.94
C THR A 141 24.79 -15.02 14.08
N PHE A 142 25.06 -15.47 12.85
CA PHE A 142 24.02 -16.03 11.98
C PHE A 142 23.94 -17.53 12.17
N TYR A 143 22.74 -18.02 12.42
CA TYR A 143 22.43 -19.45 12.56
C TYR A 143 21.54 -19.84 11.41
N PHE A 144 21.82 -21.00 10.79
CA PHE A 144 21.10 -21.42 9.60
C PHE A 144 20.13 -22.52 9.99
N VAL A 145 18.85 -22.18 9.93
CA VAL A 145 17.77 -23.00 10.45
C VAL A 145 17.09 -23.73 9.30
N ASN A 146 17.07 -25.05 9.38
CA ASN A 146 16.57 -25.87 8.29
C ASN A 146 15.18 -26.49 8.51
N ASP A 147 14.62 -26.33 9.71
CA ASP A 147 13.34 -26.96 10.05
C ASP A 147 12.15 -26.04 10.21
N GLY A 148 12.23 -24.87 9.58
CA GLY A 148 11.09 -24.02 9.37
C GLY A 148 10.86 -22.81 10.26
N PRO A 149 9.89 -21.98 9.88
CA PRO A 149 9.71 -20.71 10.59
C PRO A 149 9.26 -20.84 12.04
N GLU A 150 8.51 -21.87 12.39
CA GLU A 150 8.14 -22.00 13.80
C GLU A 150 9.37 -22.28 14.65
N GLN A 151 10.24 -23.17 14.19
N GLN A 151 10.22 -23.16 14.16
CA GLN A 151 11.47 -23.44 14.93
CA GLN A 151 11.48 -23.47 14.82
C GLN A 151 12.39 -22.21 14.96
C GLN A 151 12.40 -22.25 14.93
N ALA A 152 12.50 -21.48 13.85
CA ALA A 152 13.34 -20.27 13.85
C ALA A 152 12.81 -19.32 14.91
N LEU A 153 11.48 -19.20 15.02
CA LEU A 153 10.89 -18.27 15.99
C LEU A 153 11.14 -18.75 17.43
N ALA A 154 11.06 -20.06 17.65
CA ALA A 154 11.33 -20.62 18.96
C ALA A 154 12.76 -20.29 19.40
N LEU A 155 13.71 -20.47 18.47
CA LEU A 155 15.10 -20.14 18.73
C LEU A 155 15.27 -18.66 18.95
N ALA A 156 14.58 -17.85 18.16
CA ALA A 156 14.70 -16.37 18.27
C ALA A 156 14.15 -15.84 19.58
N ARG A 157 13.06 -16.44 20.02
CA ARG A 157 12.44 -16.06 21.26
C ARG A 157 13.34 -16.39 22.43
N GLU A 158 13.95 -17.57 22.40
CA GLU A 158 14.94 -17.97 23.40
C GLU A 158 16.11 -16.96 23.42
N ALA A 159 16.61 -16.57 22.25
CA ALA A 159 17.67 -15.58 22.15
C ALA A 159 17.32 -14.17 22.60
N ALA A 160 16.09 -13.75 22.40
CA ALA A 160 15.68 -12.38 22.56
C ALA A 160 15.52 -11.90 24.00
N GLY A 161 15.30 -12.81 24.92
CA GLY A 161 15.08 -12.41 26.31
C GLY A 161 13.87 -11.51 26.40
N GLU A 162 13.98 -10.39 27.11
CA GLU A 162 12.87 -9.49 27.24
C GLU A 162 12.71 -8.55 26.07
N ARG A 163 13.61 -8.61 25.09
CA ARG A 163 13.50 -7.77 23.91
C ARG A 163 12.68 -8.44 22.81
N ASP A 164 12.41 -7.69 21.76
CA ASP A 164 11.55 -8.14 20.68
C ASP A 164 12.29 -8.89 19.57
N ILE A 165 11.46 -9.50 18.70
CA ILE A 165 11.94 -10.35 17.62
C ILE A 165 11.53 -9.70 16.31
N ARG A 166 12.54 -9.33 15.51
CA ARG A 166 12.27 -8.69 14.23
C ARG A 166 12.33 -9.69 13.09
N ILE A 167 11.26 -9.79 12.30
N ILE A 167 11.27 -9.78 12.30
CA ILE A 167 11.30 -10.56 11.06
CA ILE A 167 11.32 -10.52 11.05
C ILE A 167 11.84 -9.59 10.03
C ILE A 167 11.85 -9.55 10.03
N SER A 168 13.15 -9.65 9.77
CA SER A 168 13.83 -8.69 8.89
C SER A 168 13.38 -8.73 7.46
N GLY A 169 13.06 -9.91 6.97
CA GLY A 169 12.72 -10.06 5.55
C GLY A 169 13.48 -11.21 4.94
N GLY A 170 13.41 -11.39 3.62
CA GLY A 170 12.53 -10.61 2.73
C GLY A 170 11.08 -11.05 2.68
N ALA A 171 10.47 -10.87 1.52
CA ALA A 171 9.02 -11.04 1.36
C ALA A 171 8.59 -12.46 1.61
N ASN A 172 9.38 -13.42 1.13
CA ASN A 172 9.03 -14.83 1.28
C ASN A 172 8.88 -15.26 2.72
N VAL A 173 9.81 -14.82 3.55
CA VAL A 173 9.80 -15.18 4.96
C VAL A 173 8.69 -14.43 5.65
N ILE A 174 8.52 -13.12 5.35
CA ILE A 174 7.43 -12.39 5.98
C ILE A 174 6.06 -13.01 5.66
N GLN A 175 5.87 -13.46 4.42
CA GLN A 175 4.62 -14.12 4.02
C GLN A 175 4.36 -15.36 4.87
N GLN A 176 5.40 -16.16 5.15
CA GLN A 176 5.24 -17.35 5.99
C GLN A 176 4.72 -16.95 7.37
N TYR A 177 5.37 -15.97 7.99
CA TYR A 177 4.96 -15.58 9.35
C TYR A 177 3.55 -14.96 9.35
N LEU A 178 3.21 -14.19 8.32
CA LEU A 178 1.84 -13.67 8.17
C LEU A 178 0.81 -14.80 8.12
N ASN A 179 1.08 -15.78 7.23
CA ASN A 179 0.19 -16.91 7.07
C ASN A 179 0.07 -17.76 8.33
N LEU A 180 1.12 -17.79 9.15
CA LEU A 180 1.08 -18.53 10.41
C LEU A 180 0.38 -17.76 11.54
N GLY A 181 0.03 -16.51 11.28
CA GLY A 181 -0.63 -15.68 12.30
C GLY A 181 0.29 -15.23 13.41
N LEU A 182 1.57 -15.17 13.10
CA LEU A 182 2.61 -14.92 14.11
C LEU A 182 3.11 -13.45 14.14
N VAL A 183 2.63 -12.58 13.26
CA VAL A 183 3.09 -11.20 13.23
C VAL A 183 2.23 -10.35 14.14
N ASP A 184 2.85 -9.85 15.23
CA ASP A 184 2.14 -9.01 16.20
C ASP A 184 1.99 -7.58 15.73
N GLU A 185 3.00 -7.11 15.01
CA GLU A 185 3.08 -5.70 14.61
C GLU A 185 3.69 -5.64 13.21
N LEU A 186 3.12 -4.76 12.37
CA LEU A 186 3.57 -4.62 10.98
C LEU A 186 3.77 -3.12 10.72
N GLU A 187 5.02 -2.72 10.49
CA GLU A 187 5.40 -1.33 10.36
C GLU A 187 5.96 -1.17 8.96
N ILE A 188 5.36 -0.25 8.21
CA ILE A 188 5.68 -0.03 6.81
C ILE A 188 5.97 1.44 6.54
N ALA A 189 7.16 1.71 5.99
CA ALA A 189 7.51 3.02 5.45
C ALA A 189 7.03 2.96 4.01
N LEU A 190 5.90 3.62 3.72
CA LEU A 190 5.31 3.61 2.40
C LEU A 190 5.89 4.75 1.59
N ILE A 191 6.62 4.36 0.52
CA ILE A 191 7.44 5.30 -0.24
C ILE A 191 6.73 5.59 -1.57
N PRO A 192 6.62 6.86 -2.01
N PRO A 192 6.71 6.88 -1.97
CA PRO A 192 5.80 7.09 -3.22
CA PRO A 192 6.12 7.32 -3.23
C PRO A 192 6.29 6.54 -4.58
C PRO A 192 6.99 7.01 -4.44
N VAL A 193 7.37 5.77 -4.60
CA VAL A 193 7.98 5.31 -5.80
C VAL A 193 7.22 4.08 -6.26
N ILE A 194 7.10 3.93 -7.59
N ILE A 194 7.10 3.97 -7.60
CA ILE A 194 6.41 2.80 -8.20
CA ILE A 194 6.47 2.85 -8.26
C ILE A 194 7.45 1.97 -8.94
C ILE A 194 7.59 2.01 -8.86
N PHE A 195 7.63 0.72 -8.52
CA PHE A 195 8.68 -0.17 -9.05
C PHE A 195 8.22 -0.91 -10.30
N GLY A 196 6.95 -1.24 -10.40
CA GLY A 196 6.44 -1.95 -11.58
C GLY A 196 6.81 -3.42 -11.69
N GLY A 197 7.29 -3.97 -10.60
CA GLY A 197 7.76 -5.35 -10.57
C GLY A 197 8.73 -5.53 -9.41
N GLY A 198 9.17 -6.77 -9.23
CA GLY A 198 10.02 -7.11 -8.10
C GLY A 198 9.39 -8.10 -7.15
N ARG A 199 9.80 -8.00 -5.89
CA ARG A 199 9.31 -8.92 -4.86
C ARG A 199 8.14 -8.30 -4.15
N ARG A 200 6.93 -8.77 -4.48
CA ARG A 200 5.70 -8.23 -3.89
C ARG A 200 5.57 -8.73 -2.45
N LEU A 201 5.32 -7.84 -1.48
CA LEU A 201 5.18 -8.27 -0.10
C LEU A 201 3.93 -9.09 0.10
N PHE A 202 2.80 -8.54 -0.27
CA PHE A 202 1.51 -9.18 0.02
C PHE A 202 1.14 -10.07 -1.14
N GLU A 203 1.65 -11.30 -1.14
N GLU A 203 1.64 -11.29 -1.13
CA GLU A 203 1.40 -12.25 -2.18
CA GLU A 203 1.36 -12.25 -2.17
C GLU A 203 1.44 -13.60 -1.47
C GLU A 203 1.49 -13.61 -1.50
N ASN A 204 0.80 -14.63 -2.02
CA ASN A 204 0.88 -15.99 -1.44
C ASN A 204 0.26 -16.07 -0.03
N LEU A 205 -0.66 -15.16 0.30
CA LEU A 205 -1.34 -15.18 1.58
C LEU A 205 -2.62 -15.94 1.44
N HIS A 206 -2.96 -16.69 2.46
CA HIS A 206 -4.17 -17.50 2.45
C HIS A 206 -5.03 -17.28 3.69
N GLU A 207 -6.33 -17.58 3.57
CA GLU A 207 -7.19 -17.54 4.75
C GLU A 207 -6.77 -18.61 5.77
N PRO A 208 -6.97 -18.35 7.06
CA PRO A 208 -7.44 -17.10 7.64
C PRO A 208 -6.38 -15.99 7.54
N LEU A 209 -6.81 -14.88 6.95
CA LEU A 209 -5.96 -13.75 6.69
C LEU A 209 -5.69 -12.93 7.97
N PRO A 210 -4.51 -12.29 8.02
CA PRO A 210 -4.16 -11.50 9.17
C PRO A 210 -5.11 -10.33 9.36
N GLN A 211 -5.40 -10.00 10.61
CA GLN A 211 -6.29 -8.91 10.92
C GLN A 211 -5.52 -7.91 11.76
N PHE A 212 -5.48 -6.67 11.28
CA PHE A 212 -4.79 -5.59 11.94
C PHE A 212 -5.67 -4.37 12.16
N ARG A 213 -5.27 -3.53 13.10
CA ARG A 213 -5.82 -2.19 13.20
C ARG A 213 -4.69 -1.20 12.97
N ILE A 214 -5.04 0.01 12.56
CA ILE A 214 -4.04 1.11 12.56
C ILE A 214 -3.77 1.55 13.97
N ASP A 215 -2.50 1.61 14.34
CA ASP A 215 -2.12 2.10 15.65
C ASP A 215 -1.57 3.51 15.54
N ARG A 216 -0.79 3.79 14.50
CA ARG A 216 -0.09 5.09 14.44
C ARG A 216 0.35 5.36 13.01
N VAL A 217 0.29 6.64 12.63
CA VAL A 217 0.84 7.10 11.36
C VAL A 217 1.76 8.28 11.67
N LEU A 218 2.97 8.27 11.11
CA LEU A 218 3.89 9.40 11.19
C LEU A 218 4.19 9.81 9.76
N ALA A 219 3.67 10.97 9.36
CA ALA A 219 3.85 11.46 8.00
C ALA A 219 5.18 12.19 7.89
N SER A 220 5.88 12.03 6.79
CA SER A 220 7.07 12.79 6.50
C SER A 220 7.03 13.16 5.02
N PRO A 221 7.85 14.13 4.60
CA PRO A 221 7.80 14.54 3.21
C PRO A 221 8.14 13.47 2.19
N THR A 222 8.95 12.47 2.56
CA THR A 222 9.38 11.44 1.59
C THR A 222 8.93 10.00 1.91
N ALA A 223 8.18 9.83 3.00
CA ALA A 223 7.75 8.50 3.39
C ALA A 223 6.57 8.64 4.33
N THR A 224 5.61 7.72 4.28
CA THR A 224 4.50 7.72 5.21
C THR A 224 4.69 6.47 6.12
N HIS A 225 4.93 6.71 7.41
CA HIS A 225 5.22 5.65 8.34
C HIS A 225 3.99 5.08 9.01
N LEU A 226 3.63 3.85 8.62
CA LEU A 226 2.42 3.20 9.07
C LEU A 226 2.74 2.12 10.09
N ARG A 227 1.97 2.07 11.18
CA ARG A 227 2.14 1.03 12.17
C ARG A 227 0.80 0.37 12.44
N TYR A 228 0.76 -0.94 12.20
CA TYR A 228 -0.41 -1.76 12.38
C TYR A 228 -0.15 -2.73 13.48
N VAL A 229 -1.16 -2.99 14.31
N VAL A 229 -1.18 -2.98 14.29
CA VAL A 229 -1.01 -4.03 15.34
CA VAL A 229 -1.11 -3.94 15.40
C VAL A 229 -2.15 -5.03 15.19
C VAL A 229 -2.17 -5.02 15.19
N ARG A 230 -1.88 -6.25 15.61
CA ARG A 230 -2.82 -7.35 15.42
C ARG A 230 -4.10 -7.06 16.17
N LEU A 231 -5.23 -7.41 15.56
CA LEU A 231 -6.51 -7.28 16.26
C LEU A 231 -6.62 -8.35 17.32
N ASN B 14 4.02 22.19 -18.65
CA ASN B 14 2.81 22.94 -19.14
C ASN B 14 2.54 24.18 -18.31
N LEU B 15 2.84 25.33 -18.88
CA LEU B 15 2.76 26.58 -18.13
C LEU B 15 1.35 26.90 -17.58
N TYR B 16 0.30 26.36 -18.21
CA TYR B 16 -1.09 26.67 -17.81
C TYR B 16 -1.78 25.59 -17.02
N PHE B 17 -1.04 24.55 -16.66
CA PHE B 17 -1.55 23.42 -15.89
C PHE B 17 -2.53 23.77 -14.79
N GLN B 18 -2.25 24.83 -14.05
CA GLN B 18 -3.09 25.18 -12.93
C GLN B 18 -4.48 25.67 -13.35
N GLY B 19 -4.59 26.13 -14.60
CA GLY B 19 -5.85 26.51 -15.17
C GLY B 19 -6.62 25.38 -15.81
N SER B 21 -8.41 21.50 -15.89
CA SER B 21 -9.05 20.54 -15.03
C SER B 21 -8.07 19.41 -14.69
N LYS B 22 -8.06 18.98 -13.42
CA LYS B 22 -7.19 17.89 -12.98
C LYS B 22 -7.88 16.54 -13.17
N VAL B 23 -7.09 15.56 -13.57
CA VAL B 23 -7.50 14.17 -13.69
C VAL B 23 -7.04 13.47 -12.42
N PHE B 24 -8.00 13.00 -11.63
CA PHE B 24 -7.67 12.37 -10.36
C PHE B 24 -8.33 11.03 -10.16
N VAL B 25 -7.66 10.19 -9.36
CA VAL B 25 -8.18 8.90 -8.90
C VAL B 25 -8.39 9.05 -7.38
N ASN B 26 -9.53 8.58 -6.87
CA ASN B 26 -9.76 8.60 -5.44
C ASN B 26 -10.46 7.29 -5.13
N ILE B 27 -9.74 6.38 -4.47
CA ILE B 27 -10.21 5.00 -4.26
C ILE B 27 -9.90 4.53 -2.84
N SER B 28 -10.58 3.47 -2.42
CA SER B 28 -10.25 2.80 -1.15
C SER B 28 -9.47 1.54 -1.54
N LEU B 29 -8.37 1.31 -0.85
CA LEU B 29 -7.49 0.20 -1.17
C LEU B 29 -7.25 -0.65 0.07
N SER B 30 -7.34 -1.96 -0.08
CA SER B 30 -6.96 -2.87 1.04
C SER B 30 -5.47 -2.66 1.30
N LEU B 31 -5.01 -3.04 2.50
CA LEU B 31 -3.57 -2.86 2.82
C LEU B 31 -2.68 -3.59 1.81
N ASP B 32 -3.17 -4.73 1.31
CA ASP B 32 -2.47 -5.51 0.33
C ASP B 32 -2.70 -5.07 -1.12
N GLY B 33 -3.33 -3.93 -1.34
CA GLY B 33 -3.37 -3.33 -2.66
C GLY B 33 -4.47 -3.73 -3.61
N PHE B 34 -5.57 -4.19 -3.07
CA PHE B 34 -6.71 -4.60 -3.85
C PHE B 34 -7.85 -3.64 -3.74
N ALA B 36 -10.93 -4.61 -4.88
CA ALA B 36 -12.12 -5.45 -4.77
C ALA B 36 -11.63 -6.84 -4.36
N PRO B 37 -12.41 -7.53 -3.52
CA PRO B 37 -12.01 -8.85 -3.05
C PRO B 37 -12.33 -9.93 -4.08
N GLU B 38 -11.67 -11.07 -3.92
CA GLU B 38 -11.94 -12.20 -4.76
C GLU B 38 -13.39 -12.66 -4.53
N GLY B 39 -14.07 -12.93 -5.63
CA GLY B 39 -15.47 -13.37 -5.60
C GLY B 39 -16.47 -12.26 -5.87
N ASP B 41 -17.86 -10.46 -8.28
CA ASP B 41 -18.05 -10.44 -9.71
C ASP B 41 -19.53 -10.59 -9.97
N ALA B 43 -21.22 -12.83 -11.41
CA ALA B 43 -21.66 -14.20 -11.12
C ALA B 43 -22.03 -14.41 -9.65
N HIS B 44 -21.38 -13.68 -8.76
CA HIS B 44 -21.65 -13.81 -7.31
C HIS B 44 -22.17 -12.55 -6.70
N PHE B 45 -22.66 -11.63 -7.50
CA PHE B 45 -23.08 -10.33 -6.98
C PHE B 45 -24.21 -10.45 -5.99
N SER B 46 -25.09 -11.42 -6.21
CA SER B 46 -26.23 -11.65 -5.33
C SER B 46 -25.91 -12.63 -4.20
N ASP B 47 -24.65 -13.10 -4.11
CA ASP B 47 -24.27 -13.93 -3.01
C ASP B 47 -23.02 -13.44 -2.33
N PRO B 48 -23.19 -12.47 -1.43
CA PRO B 48 -22.06 -11.90 -0.75
C PRO B 48 -21.34 -12.80 0.26
N THR B 49 -21.87 -13.99 0.55
CA THR B 49 -21.12 -14.93 1.38
C THR B 49 -20.04 -15.70 0.61
N TYR B 50 -20.06 -15.63 -0.73
CA TYR B 50 -19.08 -16.35 -1.54
C TYR B 50 -17.70 -15.76 -1.30
N LYS B 51 -16.81 -16.61 -0.79
CA LYS B 51 -15.46 -16.22 -0.37
C LYS B 51 -15.50 -15.03 0.64
N ASN B 52 -16.62 -14.92 1.37
N ASN B 52 -16.61 -14.91 1.36
CA ASN B 52 -16.87 -13.80 2.27
CA ASN B 52 -16.83 -13.80 2.29
C ASN B 52 -16.57 -12.46 1.63
C ASN B 52 -16.62 -12.43 1.65
N TRP B 53 -16.92 -12.32 0.35
CA TRP B 53 -16.58 -11.08 -0.37
C TRP B 53 -17.34 -9.87 0.18
N GLY B 54 -18.60 -10.07 0.56
CA GLY B 54 -19.37 -8.94 1.04
C GLY B 54 -18.80 -8.32 2.28
N ALA B 55 -18.35 -9.15 3.21
CA ALA B 55 -17.73 -8.65 4.44
C ALA B 55 -16.43 -7.89 4.15
N LYS B 56 -15.66 -8.35 3.17
CA LYS B 56 -14.42 -7.68 2.82
C LYS B 56 -14.71 -6.35 2.17
N TRP B 57 -15.68 -6.33 1.28
CA TRP B 57 -16.10 -5.09 0.63
C TRP B 57 -16.61 -4.11 1.69
N GLY B 58 -17.43 -4.60 2.60
CA GLY B 58 -17.97 -3.70 3.64
C GLY B 58 -16.87 -3.07 4.49
N ALA B 59 -15.86 -3.87 4.83
CA ALA B 59 -14.71 -3.39 5.59
C ALA B 59 -13.96 -2.29 4.84
N LEU B 60 -13.88 -2.44 3.53
CA LEU B 60 -13.16 -1.50 2.69
C LEU B 60 -13.84 -0.15 2.61
N ALA B 62 -16.39 1.02 4.69
CA ALA B 62 -17.03 1.46 5.94
C ALA B 62 -16.70 2.92 6.29
N TRP B 63 -15.45 3.32 6.13
CA TRP B 63 -15.06 4.70 6.51
C TRP B 63 -15.91 5.74 5.77
N ALA B 64 -16.11 5.49 4.50
CA ALA B 64 -16.81 6.41 3.62
C ALA B 64 -18.30 6.48 3.92
N LEU B 65 -18.88 5.31 4.12
CA LEU B 65 -20.30 5.20 4.42
C LEU B 65 -20.67 5.72 5.80
N SER B 66 -19.68 5.98 6.64
N SER B 66 -19.67 5.96 6.65
CA SER B 66 -19.85 6.63 7.95
CA SER B 66 -19.85 6.62 7.94
C SER B 66 -19.70 8.15 7.92
C SER B 66 -19.87 8.15 7.87
N GLN B 67 -19.43 8.75 6.76
CA GLN B 67 -19.30 10.21 6.67
C GLN B 67 -20.65 10.85 6.44
N GLN B 68 -20.96 11.85 7.28
CA GLN B 68 -22.24 12.50 7.23
C GLN B 68 -22.58 12.97 5.81
N TYR B 69 -21.62 13.60 5.15
CA TYR B 69 -21.91 14.17 3.83
C TYR B 69 -22.34 13.13 2.83
N LEU B 70 -21.66 11.99 2.80
N LEU B 70 -21.65 11.99 2.81
CA LEU B 70 -22.03 10.94 1.85
CA LEU B 70 -21.96 10.93 1.87
C LEU B 70 -23.34 10.31 2.26
C LEU B 70 -23.25 10.21 2.25
N ARG B 71 -23.51 10.10 3.55
CA ARG B 71 -24.76 9.53 4.06
C ARG B 71 -25.96 10.36 3.61
N GLU B 72 -25.81 11.68 3.65
CA GLU B 72 -26.85 12.59 3.19
C GLU B 72 -26.96 12.51 1.66
N LYS B 73 -25.85 12.63 0.96
CA LYS B 73 -25.88 12.65 -0.50
C LYS B 73 -26.43 11.37 -1.10
N LEU B 74 -26.05 10.25 -0.52
CA LEU B 74 -26.49 8.94 -1.01
C LEU B 74 -27.78 8.48 -0.37
N LYS B 75 -28.34 9.24 0.56
CA LYS B 75 -29.57 8.91 1.25
C LYS B 75 -29.47 7.59 2.02
N LEU B 76 -28.33 7.37 2.67
CA LEU B 76 -28.10 6.14 3.41
C LEU B 76 -28.72 6.16 4.77
N GLY B 77 -28.90 7.34 5.34
CA GLY B 77 -29.35 7.50 6.70
C GLY B 77 -28.81 8.82 7.27
N THR B 78 -29.02 9.01 8.55
CA THR B 78 -28.61 10.23 9.23
C THR B 78 -27.38 9.98 10.06
N GLY B 79 -26.90 11.04 10.69
CA GLY B 79 -25.75 10.93 11.53
C GLY B 79 -24.52 10.72 10.68
N GLY B 80 -23.46 10.35 11.35
CA GLY B 80 -22.20 10.14 10.71
C GLY B 80 -21.14 11.05 11.24
N GLU B 81 -19.92 10.79 10.82
CA GLU B 81 -18.79 11.61 11.21
C GLU B 81 -18.79 12.93 10.49
N THR B 82 -18.33 13.99 11.16
N THR B 82 -18.28 13.90 11.19
CA THR B 82 -18.34 15.38 10.61
CA THR B 82 -18.00 15.17 10.68
C THR B 82 -17.00 16.16 10.70
C THR B 82 -16.52 15.35 11.03
N GLY B 83 -15.88 15.44 10.70
N GLY B 83 -15.90 16.35 10.45
CA GLY B 83 -14.54 16.05 10.81
CA GLY B 83 -14.53 16.54 10.71
C GLY B 83 -13.84 16.36 9.49
C GLY B 83 -13.80 16.53 9.42
N PRO B 84 -12.48 16.51 9.52
CA PRO B 84 -11.66 16.66 8.35
C PRO B 84 -11.93 15.61 7.24
N VAL B 85 -12.22 14.38 7.64
CA VAL B 85 -12.47 13.36 6.63
C VAL B 85 -13.78 13.68 5.91
N ASN B 86 -14.80 14.11 6.64
CA ASN B 86 -16.08 14.43 5.99
C ASN B 86 -15.92 15.64 5.04
N ASP B 87 -15.11 16.61 5.48
CA ASP B 87 -14.86 17.79 4.65
C ASP B 87 -14.12 17.38 3.39
N VAL B 89 -14.37 14.46 1.88
N VAL B 89 -14.27 14.37 1.91
CA VAL B 89 -15.29 13.84 0.93
CA VAL B 89 -15.17 13.58 1.05
C VAL B 89 -16.22 14.91 0.33
C VAL B 89 -16.09 14.49 0.23
N ARG B 90 -16.65 15.93 1.09
N ARG B 90 -16.51 15.58 0.86
CA ARG B 90 -17.42 16.99 0.45
CA ARG B 90 -17.36 16.59 0.21
C ARG B 90 -16.66 17.52 -0.77
C ARG B 90 -16.59 17.31 -0.89
N HIS B 91 -15.36 17.77 -0.60
CA HIS B 91 -14.55 18.35 -1.65
C HIS B 91 -14.40 17.41 -2.85
N THR B 92 -14.23 16.12 -2.60
CA THR B 92 -14.08 15.18 -3.71
C THR B 92 -15.33 15.18 -4.57
N PHE B 93 -16.50 15.22 -3.96
CA PHE B 93 -17.73 15.26 -4.73
C PHE B 93 -17.89 16.59 -5.46
N GLU B 94 -17.72 17.67 -4.74
CA GLU B 94 -17.99 19.00 -5.30
C GLU B 94 -17.02 19.38 -6.41
N ARG B 95 -15.81 18.85 -6.37
CA ARG B 95 -14.80 19.26 -7.35
C ARG B 95 -15.01 18.58 -8.69
N THR B 96 -15.86 17.55 -8.75
CA THR B 96 -15.90 16.70 -9.94
C THR B 96 -16.95 17.14 -10.96
N GLY B 97 -16.50 17.35 -12.20
CA GLY B 97 -17.38 17.73 -13.30
C GLY B 97 -17.72 16.61 -14.29
N ALA B 98 -16.99 15.49 -14.23
CA ALA B 98 -17.20 14.35 -15.12
C ALA B 98 -16.50 13.17 -14.51
N HIS B 99 -17.07 11.98 -14.74
CA HIS B 99 -16.49 10.74 -14.27
C HIS B 99 -16.17 9.82 -15.46
N ILE B 100 -15.12 9.02 -15.31
CA ILE B 100 -14.74 7.99 -16.30
C ILE B 100 -14.64 6.66 -15.56
N GLY B 102 -14.79 2.00 -16.01
CA GLY B 102 -14.86 0.79 -16.82
C GLY B 102 -16.16 0.02 -16.71
N LYS B 103 -16.28 -0.99 -17.56
CA LYS B 103 -17.52 -1.74 -17.72
C LYS B 103 -17.85 -2.62 -16.54
N ARG B 104 -16.85 -3.18 -15.88
CA ARG B 104 -17.17 -4.02 -14.73
C ARG B 104 -17.72 -3.14 -13.63
N PHE B 106 -19.32 -0.42 -14.07
CA PHE B 106 -20.63 -0.04 -14.51
C PHE B 106 -21.67 -1.14 -14.29
N GLU B 107 -21.30 -2.39 -14.60
CA GLU B 107 -22.26 -3.50 -14.46
C GLU B 107 -22.66 -3.64 -13.01
N GLY B 108 -21.69 -3.50 -12.11
CA GLY B 108 -22.02 -3.59 -10.67
C GLY B 108 -22.99 -2.52 -10.26
N GLY B 109 -22.78 -1.31 -10.77
CA GLY B 109 -23.61 -0.20 -10.43
C GLY B 109 -24.97 -0.20 -11.09
N GLU B 110 -25.05 -0.74 -12.30
CA GLU B 110 -26.32 -0.90 -12.99
C GLU B 110 -27.26 -1.70 -12.09
N ARG B 111 -26.72 -2.65 -11.33
N ARG B 111 -26.71 -2.67 -11.36
CA ARG B 111 -27.53 -3.44 -10.40
CA ARG B 111 -27.46 -3.47 -10.40
C ARG B 111 -27.55 -2.91 -8.96
C ARG B 111 -27.58 -2.80 -9.03
N GLY B 112 -26.46 -2.29 -8.53
CA GLY B 112 -26.38 -1.81 -7.16
C GLY B 112 -26.60 -0.35 -6.84
N TRP B 113 -26.66 0.53 -7.86
CA TRP B 113 -26.93 1.94 -7.60
C TRP B 113 -28.44 2.20 -7.60
N PRO B 114 -28.89 3.23 -6.86
CA PRO B 114 -30.30 3.61 -6.98
C PRO B 114 -30.57 4.23 -8.34
N GLU B 115 -31.84 4.37 -8.69
CA GLU B 115 -32.25 4.98 -9.93
C GLU B 115 -31.58 6.35 -10.06
N GLU B 116 -31.58 7.13 -8.99
CA GLU B 116 -30.84 8.37 -8.99
C GLU B 116 -29.38 8.01 -8.77
N ALA B 117 -28.65 7.84 -9.87
CA ALA B 117 -27.25 7.40 -9.83
C ALA B 117 -26.44 8.42 -9.04
N PRO B 118 -25.39 7.99 -8.31
N PRO B 118 -25.41 7.95 -8.29
CA PRO B 118 -24.70 8.90 -7.37
CA PRO B 118 -24.63 8.82 -7.42
C PRO B 118 -23.77 9.97 -7.98
C PRO B 118 -23.46 9.51 -8.10
N PHE B 119 -23.68 10.02 -9.30
CA PHE B 119 -22.66 10.80 -10.00
C PHE B 119 -23.08 12.23 -10.24
N HIS B 120 -24.25 12.42 -10.80
CA HIS B 120 -24.79 13.77 -11.05
C HIS B 120 -23.93 14.55 -12.03
N THR B 121 -23.21 13.83 -12.90
CA THR B 121 -22.41 14.43 -13.95
C THR B 121 -22.53 13.48 -15.15
N PRO B 122 -22.01 13.92 -16.30
CA PRO B 122 -21.77 12.96 -17.36
C PRO B 122 -20.78 11.90 -16.87
N VAL B 123 -21.02 10.64 -17.27
CA VAL B 123 -20.15 9.53 -16.92
C VAL B 123 -19.82 8.81 -18.23
N TYR B 124 -18.53 8.63 -18.48
CA TYR B 124 -17.99 8.01 -19.69
C TYR B 124 -17.52 6.61 -19.33
N VAL B 125 -18.18 5.62 -19.91
CA VAL B 125 -17.94 4.22 -19.62
C VAL B 125 -17.15 3.59 -20.75
N LEU B 126 -15.92 3.15 -20.46
CA LEU B 126 -15.09 2.51 -21.48
C LEU B 126 -15.57 1.07 -21.65
N THR B 127 -15.98 0.76 -22.86
CA THR B 127 -16.47 -0.56 -23.14
C THR B 127 -16.37 -0.88 -24.62
N HIS B 128 -16.27 -2.17 -24.93
CA HIS B 128 -16.33 -2.62 -26.33
C HIS B 128 -17.80 -2.70 -26.83
N GLU B 129 -18.77 -2.65 -25.93
CA GLU B 129 -20.16 -2.72 -26.31
C GLU B 129 -20.65 -1.40 -26.92
N ARG B 130 -21.29 -1.49 -28.08
CA ARG B 130 -21.95 -0.36 -28.71
C ARG B 130 -23.26 -0.19 -28.06
N ARG B 131 -23.46 0.94 -27.41
CA ARG B 131 -24.67 1.16 -26.61
C ARG B 131 -25.01 2.65 -26.57
N ASN B 132 -26.29 2.93 -26.62
CA ASN B 132 -26.75 4.33 -26.57
C ASN B 132 -26.66 4.88 -25.16
N PRO B 133 -26.59 6.21 -24.99
CA PRO B 133 -26.50 6.73 -23.64
C PRO B 133 -27.68 6.37 -22.73
N TRP B 134 -27.39 6.33 -21.43
CA TRP B 134 -28.36 5.97 -20.43
C TRP B 134 -28.54 7.11 -19.48
N VAL B 135 -29.72 7.73 -19.57
CA VAL B 135 -30.08 8.86 -18.75
C VAL B 135 -30.69 8.39 -17.43
N ARG B 136 -30.23 8.99 -16.34
CA ARG B 136 -30.78 8.71 -15.02
C ARG B 136 -31.31 9.97 -14.39
N PRO B 137 -32.35 9.84 -13.58
CA PRO B 137 -32.76 11.01 -12.82
C PRO B 137 -31.64 11.54 -11.94
N GLY B 138 -31.60 12.86 -11.77
CA GLY B 138 -30.62 13.50 -10.92
C GLY B 138 -29.39 14.00 -11.63
N GLY B 139 -29.44 14.07 -12.95
CA GLY B 139 -28.35 14.68 -13.71
C GLY B 139 -27.18 13.81 -14.05
N THR B 140 -27.40 12.51 -14.17
CA THR B 140 -26.40 11.59 -14.63
C THR B 140 -26.79 11.05 -15.98
N THR B 141 -25.88 11.14 -16.95
CA THR B 141 -26.01 10.38 -18.20
C THR B 141 -24.75 9.59 -18.42
N PHE B 142 -24.91 8.28 -18.66
CA PHE B 142 -23.82 7.39 -19.00
C PHE B 142 -23.66 7.33 -20.52
N TYR B 143 -22.43 7.57 -20.98
CA TYR B 143 -22.08 7.53 -22.39
C TYR B 143 -21.09 6.36 -22.54
N PHE B 144 -21.31 5.52 -23.55
CA PHE B 144 -20.52 4.29 -23.71
C PHE B 144 -19.51 4.55 -24.81
N VAL B 145 -18.25 4.65 -24.39
CA VAL B 145 -17.13 5.06 -25.25
C VAL B 145 -16.36 3.86 -25.73
N ASN B 146 -16.26 3.74 -27.03
CA ASN B 146 -15.69 2.53 -27.63
C ASN B 146 -14.30 2.78 -28.22
N ASP B 147 -13.84 4.03 -28.23
CA ASP B 147 -12.54 4.32 -28.87
C ASP B 147 -11.40 4.72 -27.93
N GLY B 148 -11.51 4.29 -26.68
CA GLY B 148 -10.38 4.29 -25.77
C GLY B 148 -10.29 5.43 -24.78
N PRO B 149 -9.34 5.29 -23.86
CA PRO B 149 -9.25 6.21 -22.73
C PRO B 149 -8.93 7.66 -23.10
N GLU B 150 -8.12 7.89 -24.12
CA GLU B 150 -7.86 9.27 -24.51
C GLU B 150 -9.11 9.95 -25.02
N GLN B 151 -9.92 9.26 -25.80
N GLN B 151 -9.90 9.23 -25.79
CA GLN B 151 -11.14 9.88 -26.29
CA GLN B 151 -11.15 9.76 -26.32
C GLN B 151 -12.13 10.08 -25.14
C GLN B 151 -12.16 10.03 -25.21
N ALA B 152 -12.26 9.11 -24.25
CA ALA B 152 -13.11 9.33 -23.08
C ALA B 152 -12.69 10.57 -22.32
N LEU B 153 -11.38 10.74 -22.17
CA LEU B 153 -10.84 11.87 -21.39
C LEU B 153 -11.11 13.17 -22.14
N ALA B 154 -10.95 13.17 -23.45
CA ALA B 154 -11.28 14.36 -24.24
C ALA B 154 -12.74 14.80 -24.07
N LEU B 155 -13.66 13.83 -24.10
CA LEU B 155 -15.06 14.10 -23.88
C LEU B 155 -15.30 14.61 -22.47
N ALA B 156 -14.70 13.93 -21.50
CA ALA B 156 -14.82 14.32 -20.08
C ALA B 156 -14.30 15.71 -19.79
N ARG B 157 -13.16 16.06 -20.38
CA ARG B 157 -12.61 17.40 -20.16
C ARG B 157 -13.52 18.47 -20.74
N GLU B 158 -14.06 18.19 -21.92
CA GLU B 158 -15.04 19.08 -22.51
C GLU B 158 -16.27 19.28 -21.60
N ALA B 159 -16.76 18.18 -21.03
CA ALA B 159 -17.96 18.21 -20.19
C ALA B 159 -17.70 18.81 -18.83
N ALA B 160 -16.47 18.71 -18.32
CA ALA B 160 -16.19 19.09 -16.92
C ALA B 160 -16.11 20.59 -16.70
N GLY B 161 -15.79 21.33 -17.75
CA GLY B 161 -15.65 22.77 -17.63
C GLY B 161 -14.53 23.15 -16.70
N GLU B 162 -14.86 23.96 -15.70
CA GLU B 162 -13.88 24.42 -14.72
C GLU B 162 -13.57 23.40 -13.63
N ARG B 163 -14.39 22.34 -13.58
CA ARG B 163 -14.24 21.27 -12.57
C ARG B 163 -13.35 20.16 -13.07
N ASP B 164 -13.07 19.21 -12.19
CA ASP B 164 -12.11 18.15 -12.43
C ASP B 164 -12.75 16.87 -12.98
N ILE B 165 -11.88 15.96 -13.40
CA ILE B 165 -12.27 14.71 -14.02
C ILE B 165 -11.81 13.57 -13.11
N ARG B 166 -12.79 12.80 -12.65
CA ARG B 166 -12.52 11.68 -11.77
C ARG B 166 -12.49 10.37 -12.57
N ILE B 167 -11.38 9.63 -12.43
CA ILE B 167 -11.30 8.28 -12.98
C ILE B 167 -11.81 7.40 -11.84
N SER B 168 -13.10 7.02 -11.91
CA SER B 168 -13.74 6.31 -10.85
C SER B 168 -13.21 4.92 -10.59
N GLY B 169 -12.79 4.23 -11.65
CA GLY B 169 -12.37 2.84 -11.57
C GLY B 169 -13.08 2.00 -12.59
N GLY B 170 -12.93 0.69 -12.51
CA GLY B 170 -12.06 0.01 -11.53
C GLY B 170 -10.60 -0.03 -11.93
N ALA B 171 -9.89 -1.04 -11.43
CA ALA B 171 -8.44 -1.10 -11.59
C ALA B 171 -7.97 -1.13 -13.02
N ASN B 172 -8.67 -1.86 -13.89
CA ASN B 172 -8.25 -1.96 -15.29
C ASN B 172 -8.19 -0.61 -15.96
N VAL B 173 -9.20 0.21 -15.73
CA VAL B 173 -9.24 1.56 -16.32
C VAL B 173 -8.21 2.47 -15.69
N ILE B 174 -8.06 2.40 -14.37
CA ILE B 174 -7.03 3.22 -13.72
C ILE B 174 -5.63 2.85 -14.25
N GLN B 175 -5.37 1.57 -14.44
CA GLN B 175 -4.10 1.13 -14.97
C GLN B 175 -3.81 1.73 -16.31
N GLN B 176 -4.81 1.82 -17.16
CA GLN B 176 -4.60 2.42 -18.47
C GLN B 176 -4.24 3.89 -18.36
N TYR B 177 -4.97 4.62 -17.52
CA TYR B 177 -4.67 6.05 -17.35
C TYR B 177 -3.30 6.25 -16.73
N LEU B 178 -2.91 5.39 -15.80
CA LEU B 178 -1.56 5.47 -15.20
C LEU B 178 -0.49 5.26 -16.28
N ASN B 179 -0.68 4.22 -17.09
CA ASN B 179 0.27 3.91 -18.15
C ASN B 179 0.37 4.99 -19.21
N LEU B 180 -0.71 5.72 -19.41
CA LEU B 180 -0.69 6.79 -20.37
C LEU B 180 -0.11 8.08 -19.79
N GLY B 181 0.20 8.10 -18.50
CA GLY B 181 0.76 9.29 -17.91
C GLY B 181 -0.26 10.37 -17.62
N LEU B 182 -1.53 10.01 -17.51
CA LEU B 182 -2.60 10.99 -17.49
C LEU B 182 -3.17 11.24 -16.11
N VAL B 183 -2.71 10.53 -15.08
CA VAL B 183 -3.26 10.75 -13.76
C VAL B 183 -2.46 11.86 -13.04
N ASP B 184 -3.11 12.98 -12.76
CA ASP B 184 -2.46 14.11 -12.10
C ASP B 184 -2.34 13.91 -10.60
N GLU B 185 -3.34 13.25 -10.02
CA GLU B 185 -3.50 13.13 -8.55
C GLU B 185 -4.03 11.75 -8.25
N LEU B 186 -3.43 11.09 -7.25
CA LEU B 186 -3.78 9.74 -6.84
C LEU B 186 -4.06 9.80 -5.35
N GLU B 187 -5.35 9.58 -5.00
CA GLU B 187 -5.80 9.64 -3.62
C GLU B 187 -6.31 8.27 -3.21
N ILE B 188 -5.75 7.76 -2.09
CA ILE B 188 -5.98 6.41 -1.64
C ILE B 188 -6.32 6.44 -0.16
N ALA B 189 -7.51 5.88 0.17
CA ALA B 189 -7.84 5.55 1.53
C ALA B 189 -7.29 4.16 1.80
N LEU B 190 -6.16 4.06 2.47
CA LEU B 190 -5.54 2.78 2.76
C LEU B 190 -6.17 2.19 4.01
N ILE B 191 -6.82 1.02 3.82
CA ILE B 191 -7.60 0.39 4.90
C ILE B 191 -6.84 -0.81 5.46
N PRO B 192 -6.81 -1.01 6.79
N PRO B 192 -6.87 -0.99 6.80
CA PRO B 192 -5.98 -2.13 7.32
CA PRO B 192 -6.22 -2.10 7.48
C PRO B 192 -6.34 -3.57 6.93
C PRO B 192 -7.06 -3.37 7.39
N VAL B 193 -7.39 -3.75 6.17
CA VAL B 193 -7.97 -5.05 5.85
C VAL B 193 -7.09 -5.70 4.77
N ILE B 194 -6.85 -7.00 4.89
N ILE B 194 -6.91 -7.02 4.88
CA ILE B 194 -6.10 -7.77 3.93
CA ILE B 194 -6.12 -7.82 3.96
C ILE B 194 -7.12 -8.66 3.18
C ILE B 194 -7.05 -8.75 3.17
N PHE B 195 -7.16 -8.53 1.86
CA PHE B 195 -8.04 -9.32 1.01
C PHE B 195 -7.48 -10.70 0.59
N GLY B 196 -6.17 -10.78 0.37
CA GLY B 196 -5.55 -12.02 -0.06
C GLY B 196 -5.76 -12.34 -1.51
N GLY B 197 -6.42 -11.46 -2.27
CA GLY B 197 -6.77 -11.72 -3.62
C GLY B 197 -7.78 -10.70 -4.09
N GLY B 198 -8.14 -10.76 -5.37
CA GLY B 198 -9.09 -9.82 -5.98
C GLY B 198 -8.48 -9.00 -7.07
N ARG B 199 -8.94 -7.75 -7.23
CA ARG B 199 -8.45 -6.90 -8.29
C ARG B 199 -7.35 -5.99 -7.76
N ARG B 200 -6.10 -6.29 -8.13
CA ARG B 200 -4.94 -5.56 -7.69
C ARG B 200 -4.86 -4.24 -8.47
N LEU B 201 -4.72 -3.13 -7.79
CA LEU B 201 -4.64 -1.81 -8.46
C LEU B 201 -3.33 -1.72 -9.28
N PHE B 202 -2.21 -1.92 -8.61
CA PHE B 202 -0.89 -1.70 -9.23
C PHE B 202 -0.42 -3.01 -9.85
N GLU B 203 -0.91 -3.23 -11.06
N GLU B 203 -0.92 -3.26 -11.05
CA GLU B 203 -0.63 -4.39 -11.85
CA GLU B 203 -0.57 -4.40 -11.85
C GLU B 203 -0.67 -3.93 -13.31
C GLU B 203 -0.69 -3.96 -13.30
N ASN B 204 0.05 -4.65 -14.18
CA ASN B 204 0.05 -4.34 -15.61
C ASN B 204 0.60 -2.96 -15.98
N LEU B 205 1.42 -2.38 -15.09
CA LEU B 205 2.07 -1.12 -15.39
C LEU B 205 3.34 -1.35 -16.16
N HIS B 206 3.58 -0.51 -17.13
CA HIS B 206 4.76 -0.65 -17.98
C HIS B 206 5.62 0.60 -17.90
N GLU B 207 6.89 0.47 -18.27
CA GLU B 207 7.75 1.63 -18.36
C GLU B 207 7.33 2.52 -19.51
N PRO B 208 7.55 3.83 -19.39
CA PRO B 208 7.99 4.57 -18.21
C PRO B 208 6.91 4.60 -17.13
N LEU B 209 7.28 4.30 -15.92
CA LEU B 209 6.30 4.18 -14.85
C LEU B 209 5.92 5.54 -14.31
N PRO B 210 4.71 5.64 -13.75
CA PRO B 210 4.34 6.96 -13.23
C PRO B 210 5.14 7.32 -11.99
N GLN B 211 5.34 8.63 -11.77
CA GLN B 211 6.10 9.14 -10.64
C GLN B 211 5.24 10.13 -9.87
N PHE B 212 5.24 10.00 -8.55
CA PHE B 212 4.46 10.82 -7.66
C PHE B 212 5.28 11.28 -6.46
N ARG B 213 4.84 12.36 -5.83
CA ARG B 213 5.31 12.76 -4.53
C ARG B 213 4.13 12.71 -3.55
N ILE B 214 4.44 12.62 -2.27
CA ILE B 214 3.39 12.71 -1.25
C ILE B 214 3.03 14.18 -1.10
N ASP B 215 1.74 14.48 -1.23
CA ASP B 215 1.30 15.84 -1.01
C ASP B 215 0.68 16.01 0.38
N ARG B 216 -0.15 15.06 0.81
CA ARG B 216 -0.85 15.18 2.07
C ARG B 216 -1.22 13.81 2.61
N VAL B 217 -1.21 13.68 3.93
CA VAL B 217 -1.73 12.51 4.62
C VAL B 217 -2.69 13.00 5.71
N LEU B 218 -3.87 12.38 5.76
CA LEU B 218 -4.84 12.61 6.82
C LEU B 218 -5.07 11.28 7.48
N ALA B 219 -4.59 11.16 8.70
CA ALA B 219 -4.73 9.94 9.46
C ALA B 219 -6.11 9.93 10.10
N SER B 220 -6.68 8.73 10.22
CA SER B 220 -7.92 8.51 10.93
C SER B 220 -7.88 7.12 11.58
N PRO B 221 -8.73 6.90 12.58
CA PRO B 221 -8.68 5.60 13.23
C PRO B 221 -8.92 4.38 12.38
N THR B 222 -9.65 4.51 11.26
CA THR B 222 -9.97 3.32 10.45
C THR B 222 -9.48 3.37 9.01
N ALA B 223 -8.76 4.44 8.65
CA ALA B 223 -8.25 4.59 7.30
C ALA B 223 -7.13 5.61 7.31
N THR B 224 -6.12 5.42 6.48
CA THR B 224 -5.07 6.43 6.32
C THR B 224 -5.25 7.04 4.91
N HIS B 225 -5.55 8.34 4.85
CA HIS B 225 -5.89 8.99 3.61
C HIS B 225 -4.67 9.64 2.99
N LEU B 226 -4.16 9.03 1.92
CA LEU B 226 -2.95 9.44 1.25
C LEU B 226 -3.28 10.20 -0.05
N ARG B 227 -2.59 11.32 -0.28
CA ARG B 227 -2.75 12.09 -1.49
C ARG B 227 -1.38 12.28 -2.14
N TYR B 228 -1.26 11.72 -3.35
CA TYR B 228 -0.07 11.80 -4.17
C TYR B 228 -0.35 12.68 -5.38
N VAL B 229 0.64 13.48 -5.74
N VAL B 229 0.71 13.32 -5.90
CA VAL B 229 0.51 14.29 -6.92
CA VAL B 229 0.64 14.25 -7.06
C VAL B 229 1.67 13.97 -7.78
C VAL B 229 1.72 13.96 -8.10
N ARG B 230 1.45 14.15 -9.08
N ARG B 230 1.39 13.98 -9.41
CA ARG B 230 2.43 13.75 -10.07
CA ARG B 230 2.43 13.65 -10.36
C ARG B 230 3.68 14.59 -9.92
C ARG B 230 3.62 14.58 -10.15
N LEU B 231 4.82 14.00 -10.30
CA LEU B 231 6.07 14.76 -10.30
C LEU B 231 6.15 15.54 -11.58
#